data_3GSU
#
_entry.id   3GSU
#
_cell.length_a   54.095
_cell.length_b   81.036
_cell.length_c   57.728
_cell.angle_alpha   90.000
_cell.angle_beta   114.200
_cell.angle_gamma   90.000
#
_symmetry.space_group_name_H-M   'P 1 21 1'
#
loop_
_entity.id
_entity.type
_entity.pdbx_description
1 polymer 'HLA class I histocompatibility antigen, A-2 alpha chain'
2 polymer Beta-2-microglobulin
3 polymer 'HCMV pp65 fragment 495-503, variant M5T (NLVPTVATV)'
4 water water
#
loop_
_entity_poly.entity_id
_entity_poly.type
_entity_poly.pdbx_seq_one_letter_code
_entity_poly.pdbx_strand_id
1 'polypeptide(L)'
;GSHSMRYFFTSVSRPGRGEPRFIAVGYVDDTQFVRFDSDAASQRMEPRAPWIEQEGPEYWDGETRKVKAHSQTHRVDLGT
LRGYYNQSEAGSHTVQRMYGCDVGSDWRFLRGYHQYAYDGKDYIALKEDLRSWTAADMAAQTTKHKWEAAHVAEQLRAYL
EGTCVEWLRRYLENGKETLQRTDAPKTHMTHHAVSDHEATLRCWALSFYPAEITLTWQRDGEDQTQDTELVETRPAGDGT
FQKWVAVVVPSGQEQRYTCHVQHEGLPKPLTLRWE
;
A
2 'polypeptide(L)'
;MIQRTPKIQVYSRHPAENGKSNFLNCYVSGFHPSDIEVDLLKNGERIEKVEHSDLSFSKDWSFYLLYYTEFTPTEKDEYA
CRVNHVTLSQPKIVKWDRDM
;
B
3 'polypeptide(L)' NLVPTVATV P
#
# COMPACT_ATOMS: atom_id res chain seq x y z
N GLY A 1 -6.37 20.08 3.04
CA GLY A 1 -6.19 19.64 1.63
C GLY A 1 -7.23 18.61 1.21
N SER A 2 -6.89 17.78 0.23
CA SER A 2 -7.83 16.83 -0.32
C SER A 2 -7.88 15.56 0.55
N HIS A 3 -8.93 14.77 0.40
CA HIS A 3 -9.05 13.51 1.15
C HIS A 3 -9.64 12.43 0.26
N SER A 4 -9.46 11.16 0.67
CA SER A 4 -10.00 10.06 -0.10
C SER A 4 -10.48 8.93 0.80
N MET A 5 -11.45 8.16 0.32
CA MET A 5 -11.78 6.87 0.92
C MET A 5 -11.64 5.83 -0.19
N ARG A 6 -10.89 4.76 0.11
CA ARG A 6 -10.61 3.73 -0.90
C ARG A 6 -10.74 2.36 -0.26
N TYR A 7 -11.34 1.43 -1.00
CA TYR A 7 -11.40 0.04 -0.58
C TYR A 7 -10.64 -0.82 -1.58
N PHE A 8 -9.92 -1.83 -1.06
CA PHE A 8 -9.09 -2.74 -1.87
C PHE A 8 -9.48 -4.18 -1.56
N PHE A 9 -9.68 -4.99 -2.60
CA PHE A 9 -10.13 -6.37 -2.44
C PHE A 9 -9.30 -7.27 -3.32
N THR A 10 -8.86 -8.40 -2.76
CA THR A 10 -8.10 -9.41 -3.49
C THR A 10 -8.71 -10.78 -3.20
N SER A 11 -9.00 -11.56 -4.24
CA SER A 11 -9.38 -12.97 -4.06
C SER A 11 -8.42 -13.84 -4.86
N VAL A 12 -7.95 -14.93 -4.25
CA VAL A 12 -6.98 -15.84 -4.89
C VAL A 12 -7.55 -17.25 -4.85
N SER A 13 -7.82 -17.84 -6.02
CA SER A 13 -8.46 -19.16 -6.06
C SER A 13 -7.56 -20.25 -5.48
N ARG A 14 -8.20 -21.26 -4.91
CA ARG A 14 -7.56 -22.41 -4.27
C ARG A 14 -8.14 -23.68 -4.90
N PRO A 15 -7.56 -24.09 -6.05
CA PRO A 15 -8.09 -25.13 -6.94
C PRO A 15 -8.41 -26.49 -6.29
N GLY A 16 -7.52 -26.99 -5.44
CA GLY A 16 -7.68 -28.33 -4.87
C GLY A 16 -8.91 -28.53 -4.01
N ARG A 17 -9.24 -27.54 -3.20
CA ARG A 17 -10.35 -27.67 -2.26
C ARG A 17 -10.84 -26.30 -1.77
N GLY A 18 -12.15 -26.10 -1.78
CA GLY A 18 -12.76 -24.98 -1.05
C GLY A 18 -12.73 -23.66 -1.80
N GLU A 19 -13.20 -22.61 -1.12
CA GLU A 19 -13.37 -21.26 -1.69
C GLU A 19 -12.06 -20.45 -1.75
N PRO A 20 -12.04 -19.36 -2.54
CA PRO A 20 -10.86 -18.49 -2.65
C PRO A 20 -10.48 -17.83 -1.33
N ARG A 21 -9.20 -17.51 -1.16
CA ARG A 21 -8.76 -16.66 -0.06
C ARG A 21 -9.21 -15.22 -0.41
N PHE A 22 -9.90 -14.54 0.51
CA PHE A 22 -10.42 -13.21 0.23
C PHE A 22 -9.96 -12.22 1.31
N ILE A 23 -9.37 -11.10 0.89
CA ILE A 23 -8.88 -10.08 1.84
C ILE A 23 -9.38 -8.71 1.39
N ALA A 24 -10.07 -8.00 2.29
CA ALA A 24 -10.59 -6.65 2.01
C ALA A 24 -10.03 -5.66 3.03
N VAL A 25 -9.59 -4.49 2.54
CA VAL A 25 -9.09 -3.43 3.42
C VAL A 25 -9.68 -2.09 2.99
N GLY A 26 -10.00 -1.25 3.96
CA GLY A 26 -10.53 0.10 3.66
C GLY A 26 -9.61 1.15 4.26
N TYR A 27 -9.42 2.25 3.53
CA TYR A 27 -8.54 3.32 3.95
C TYR A 27 -9.27 4.64 3.89
N VAL A 28 -8.96 5.53 4.83
CA VAL A 28 -9.22 6.96 4.64
C VAL A 28 -7.84 7.59 4.50
N ASP A 29 -7.61 8.29 3.39
CA ASP A 29 -6.27 8.79 3.06
C ASP A 29 -5.24 7.65 3.18
N ASP A 30 -4.21 7.82 4.00
CA ASP A 30 -3.21 6.76 4.19
C ASP A 30 -3.39 5.96 5.47
N THR A 31 -4.61 5.97 6.01
CA THR A 31 -4.90 5.29 7.29
C THR A 31 -5.86 4.11 7.06
N GLN A 32 -5.41 2.90 7.37
CA GLN A 32 -6.32 1.75 7.28
C GLN A 32 -7.31 1.83 8.43
N PHE A 33 -8.60 1.58 8.14
CA PHE A 33 -9.63 1.63 9.21
C PHE A 33 -10.48 0.38 9.43
N VAL A 34 -10.54 -0.49 8.41
CA VAL A 34 -11.24 -1.77 8.52
C VAL A 34 -10.52 -2.87 7.72
N ARG A 35 -10.85 -4.11 8.04
CA ARG A 35 -10.33 -5.26 7.28
C ARG A 35 -11.27 -6.44 7.42
N PHE A 36 -11.18 -7.35 6.45
CA PHE A 36 -11.84 -8.65 6.52
C PHE A 36 -10.87 -9.61 5.89
N ASP A 37 -10.67 -10.75 6.51
CA ASP A 37 -9.81 -11.79 5.95
C ASP A 37 -10.61 -13.07 6.07
N SER A 38 -10.81 -13.78 4.97
CA SER A 38 -11.59 -15.01 5.00
C SER A 38 -10.93 -16.12 5.83
N ASP A 39 -9.61 -16.02 6.06
CA ASP A 39 -8.89 -17.01 6.86
C ASP A 39 -8.98 -16.74 8.37
N ALA A 40 -9.40 -15.53 8.74
CA ALA A 40 -9.51 -15.14 10.15
C ALA A 40 -10.73 -15.79 10.81
N ALA A 41 -10.68 -15.95 12.13
CA ALA A 41 -11.72 -16.67 12.87
C ALA A 41 -13.08 -15.97 12.98
N SER A 42 -13.08 -14.63 13.03
CA SER A 42 -14.31 -13.88 13.36
C SER A 42 -15.38 -13.92 12.27
N GLN A 43 -14.94 -13.99 11.02
CA GLN A 43 -15.82 -13.86 9.86
C GLN A 43 -16.65 -12.57 9.99
N ARG A 44 -16.04 -11.51 10.49
CA ARG A 44 -16.67 -10.19 10.62
C ARG A 44 -15.75 -9.12 10.03
N MET A 45 -16.31 -8.03 9.53
CA MET A 45 -15.50 -6.83 9.28
C MET A 45 -14.96 -6.36 10.63
N GLU A 46 -13.66 -6.05 10.69
CA GLU A 46 -13.00 -5.71 11.94
C GLU A 46 -12.43 -4.29 11.90
N PRO A 47 -12.52 -3.56 13.03
CA PRO A 47 -11.90 -2.24 13.13
C PRO A 47 -10.37 -2.28 13.10
N ARG A 48 -9.77 -1.28 12.47
CA ARG A 48 -8.32 -1.11 12.44
C ARG A 48 -7.87 0.32 12.80
N ALA A 49 -8.82 1.17 13.15
CA ALA A 49 -8.52 2.51 13.69
C ALA A 49 -9.47 2.81 14.85
N PRO A 50 -8.97 3.44 15.93
CA PRO A 50 -9.84 3.63 17.09
C PRO A 50 -11.10 4.44 16.79
N TRP A 51 -11.02 5.41 15.88
CA TRP A 51 -12.18 6.26 15.53
C TRP A 51 -13.36 5.55 14.85
N ILE A 52 -13.13 4.38 14.27
CA ILE A 52 -14.22 3.62 13.66
C ILE A 52 -14.99 2.79 14.71
N GLU A 53 -14.37 2.59 15.87
CA GLU A 53 -15.01 1.87 16.98
C GLU A 53 -16.20 2.64 17.55
N GLN A 54 -16.33 3.91 17.16
CA GLN A 54 -17.49 4.75 17.49
C GLN A 54 -18.79 4.20 16.88
N GLU A 55 -18.67 3.49 15.76
CA GLU A 55 -19.83 2.97 15.04
C GLU A 55 -20.44 1.80 15.79
N GLY A 56 -21.77 1.70 15.74
CA GLY A 56 -22.51 0.71 16.54
C GLY A 56 -22.64 -0.64 15.87
N PRO A 57 -23.34 -1.59 16.54
CA PRO A 57 -23.54 -2.94 16.06
C PRO A 57 -24.16 -3.02 14.66
N GLU A 58 -25.08 -2.11 14.34
CA GLU A 58 -25.75 -2.14 13.03
C GLU A 58 -24.73 -1.93 11.93
N TYR A 59 -23.78 -1.01 12.17
CA TYR A 59 -22.71 -0.74 11.20
C TYR A 59 -21.93 -2.01 10.91
N TRP A 60 -21.46 -2.65 11.98
CA TRP A 60 -20.63 -3.84 11.85
C TRP A 60 -21.36 -5.02 11.21
N ASP A 61 -22.63 -5.22 11.58
CA ASP A 61 -23.47 -6.20 10.90
C ASP A 61 -23.63 -5.91 9.40
N GLY A 62 -23.92 -4.65 9.07
CA GLY A 62 -24.13 -4.21 7.69
C GLY A 62 -22.87 -4.30 6.83
N GLU A 63 -21.73 -3.88 7.39
CA GLU A 63 -20.46 -4.00 6.68
C GLU A 63 -20.02 -5.45 6.48
N THR A 64 -20.30 -6.30 7.48
CA THR A 64 -20.02 -7.72 7.37
C THR A 64 -20.83 -8.40 6.25
N ARG A 65 -22.13 -8.12 6.21
CA ARG A 65 -23.02 -8.67 5.17
C ARG A 65 -22.53 -8.26 3.78
N LYS A 66 -22.23 -6.97 3.63
CA LYS A 66 -21.74 -6.45 2.34
C LYS A 66 -20.39 -7.04 1.93
N VAL A 67 -19.45 -7.11 2.87
CA VAL A 67 -18.11 -7.63 2.53
C VAL A 67 -18.17 -9.12 2.16
N LYS A 68 -19.08 -9.86 2.80
CA LYS A 68 -19.30 -11.26 2.44
C LYS A 68 -19.90 -11.38 1.05
N ALA A 69 -20.83 -10.48 0.74
CA ALA A 69 -21.44 -10.38 -0.59
C ALA A 69 -20.38 -10.06 -1.66
N HIS A 70 -19.43 -9.18 -1.29
CA HIS A 70 -18.29 -8.88 -2.15
C HIS A 70 -17.50 -10.16 -2.44
N SER A 71 -17.22 -10.92 -1.38
CA SER A 71 -16.44 -12.15 -1.50
CA SER A 71 -16.43 -12.15 -1.50
C SER A 71 -17.10 -13.17 -2.42
N GLN A 72 -18.43 -13.28 -2.32
CA GLN A 72 -19.14 -14.23 -3.19
C GLN A 72 -19.14 -13.79 -4.65
N THR A 73 -19.25 -12.49 -4.92
CA THR A 73 -19.11 -11.99 -6.28
C THR A 73 -17.74 -12.36 -6.87
N HIS A 74 -16.67 -12.16 -6.09
CA HIS A 74 -15.34 -12.53 -6.54
C HIS A 74 -15.22 -14.03 -6.81
N ARG A 75 -15.85 -14.84 -5.97
CA ARG A 75 -15.80 -16.31 -6.17
C ARG A 75 -16.41 -16.69 -7.52
N VAL A 76 -17.59 -16.15 -7.80
CA VAL A 76 -18.28 -16.38 -9.09
C VAL A 76 -17.44 -15.87 -10.25
N ASP A 77 -16.93 -14.63 -10.11
CA ASP A 77 -16.03 -14.03 -11.10
C ASP A 77 -14.85 -14.91 -11.50
N LEU A 78 -14.16 -15.46 -10.51
CA LEU A 78 -13.02 -16.34 -10.77
C LEU A 78 -13.38 -17.51 -11.68
N GLY A 79 -14.57 -18.08 -11.49
CA GLY A 79 -15.05 -19.17 -12.33
C GLY A 79 -15.43 -18.70 -13.73
N THR A 80 -16.11 -17.56 -13.80
CA THR A 80 -16.54 -16.99 -15.08
C THR A 80 -15.33 -16.63 -15.95
N LEU A 81 -14.32 -16.03 -15.33
CA LEU A 81 -13.10 -15.60 -16.03
C LEU A 81 -12.24 -16.76 -16.52
N ARG A 82 -12.17 -17.83 -15.72
CA ARG A 82 -11.53 -19.06 -16.15
C ARG A 82 -12.21 -19.58 -17.43
N GLY A 83 -13.53 -19.43 -17.48
CA GLY A 83 -14.33 -19.76 -18.66
C GLY A 83 -14.05 -18.85 -19.84
N TYR A 84 -14.06 -17.53 -19.60
CA TYR A 84 -13.80 -16.53 -20.64
C TYR A 84 -12.44 -16.73 -21.31
N TYR A 85 -11.45 -17.12 -20.50
CA TYR A 85 -10.07 -17.24 -20.98
C TYR A 85 -9.62 -18.66 -21.27
N ASN A 86 -10.57 -19.60 -21.27
CA ASN A 86 -10.32 -21.01 -21.57
C ASN A 86 -9.15 -21.60 -20.78
N GLN A 87 -9.17 -21.38 -19.47
CA GLN A 87 -8.11 -21.86 -18.60
C GLN A 87 -8.58 -23.12 -17.85
N SER A 88 -7.62 -23.93 -17.41
CA SER A 88 -7.92 -25.16 -16.68
C SER A 88 -8.24 -24.88 -15.22
N GLU A 89 -8.70 -25.91 -14.51
CA GLU A 89 -8.96 -25.83 -13.07
C GLU A 89 -7.70 -25.94 -12.20
N ALA A 90 -6.56 -26.22 -12.82
CA ALA A 90 -5.32 -26.56 -12.09
C ALA A 90 -4.60 -25.38 -11.43
N GLY A 91 -4.58 -24.22 -12.10
CA GLY A 91 -3.81 -23.08 -11.63
C GLY A 91 -4.55 -22.16 -10.68
N SER A 92 -3.79 -21.43 -9.88
CA SER A 92 -4.32 -20.40 -9.00
C SER A 92 -4.47 -19.12 -9.82
N HIS A 93 -5.59 -18.41 -9.64
CA HIS A 93 -5.81 -17.13 -10.30
C HIS A 93 -6.27 -16.05 -9.31
N THR A 94 -6.17 -14.79 -9.74
CA THR A 94 -6.38 -13.65 -8.84
C THR A 94 -7.36 -12.66 -9.47
N VAL A 95 -8.26 -12.11 -8.66
CA VAL A 95 -9.00 -10.92 -9.05
C VAL A 95 -8.70 -9.84 -8.02
N GLN A 96 -8.59 -8.60 -8.50
CA GLN A 96 -8.38 -7.45 -7.61
C GLN A 96 -9.37 -6.35 -8.00
N ARG A 97 -9.89 -5.66 -6.99
CA ARG A 97 -10.87 -4.60 -7.19
C ARG A 97 -10.49 -3.42 -6.30
N MET A 98 -10.61 -2.20 -6.83
CA MET A 98 -10.43 -1.03 -6.00
C MET A 98 -11.50 -0.04 -6.39
N TYR A 99 -12.10 0.57 -5.37
CA TYR A 99 -13.04 1.66 -5.59
C TYR A 99 -13.00 2.67 -4.45
N GLY A 100 -13.51 3.86 -4.74
CA GLY A 100 -13.57 4.91 -3.73
C GLY A 100 -13.82 6.29 -4.33
N CYS A 101 -13.72 7.30 -3.48
CA CYS A 101 -14.00 8.68 -3.88
C CYS A 101 -12.92 9.62 -3.34
N ASP A 102 -12.68 10.72 -4.08
CA ASP A 102 -11.81 11.81 -3.64
C ASP A 102 -12.68 13.05 -3.39
N VAL A 103 -12.30 13.84 -2.39
CA VAL A 103 -12.92 15.15 -2.15
C VAL A 103 -11.80 16.19 -2.05
N GLY A 104 -12.10 17.44 -2.42
CA GLY A 104 -11.11 18.50 -2.33
C GLY A 104 -11.07 19.12 -0.93
N SER A 105 -10.39 20.26 -0.82
CA SER A 105 -10.23 20.96 0.46
C SER A 105 -11.56 21.35 1.10
N ASP A 106 -12.57 21.55 0.27
CA ASP A 106 -13.92 21.91 0.73
C ASP A 106 -14.78 20.67 1.02
N TRP A 107 -14.16 19.50 0.96
CA TRP A 107 -14.82 18.20 1.26
C TRP A 107 -16.00 17.88 0.33
N ARG A 108 -16.03 18.50 -0.85
CA ARG A 108 -17.03 18.19 -1.86
C ARG A 108 -16.45 17.17 -2.84
N PHE A 109 -17.32 16.33 -3.38
CA PHE A 109 -16.93 15.37 -4.44
C PHE A 109 -16.02 15.94 -5.53
N LEU A 110 -14.93 15.21 -5.79
CA LEU A 110 -13.99 15.57 -6.84
C LEU A 110 -13.92 14.51 -7.93
N ARG A 111 -13.74 13.27 -7.51
CA ARG A 111 -13.51 12.15 -8.43
C ARG A 111 -13.99 10.86 -7.79
N GLY A 112 -14.51 9.95 -8.62
CA GLY A 112 -14.85 8.59 -8.20
C GLY A 112 -14.16 7.57 -9.10
N TYR A 113 -14.00 6.35 -8.60
CA TYR A 113 -13.31 5.32 -9.39
C TYR A 113 -13.75 3.92 -8.99
N HIS A 114 -13.67 3.00 -9.93
CA HIS A 114 -13.99 1.60 -9.68
C HIS A 114 -13.26 0.80 -10.74
N GLN A 115 -12.22 0.08 -10.34
CA GLN A 115 -11.48 -0.70 -11.33
C GLN A 115 -11.22 -2.13 -10.90
N TYR A 116 -11.00 -2.99 -11.89
CA TYR A 116 -10.96 -4.44 -11.69
C TYR A 116 -9.85 -5.03 -12.56
N ALA A 117 -9.11 -6.00 -12.00
CA ALA A 117 -8.01 -6.67 -12.70
C ALA A 117 -8.11 -8.17 -12.52
N TYR A 118 -7.70 -8.90 -13.56
CA TYR A 118 -7.62 -10.36 -13.50
C TYR A 118 -6.19 -10.75 -13.76
N ASP A 119 -5.63 -11.55 -12.85
CA ASP A 119 -4.21 -11.96 -12.90
C ASP A 119 -3.25 -10.77 -13.11
N GLY A 120 -3.54 -9.68 -12.41
CA GLY A 120 -2.69 -8.49 -12.39
C GLY A 120 -2.78 -7.57 -13.61
N LYS A 121 -3.72 -7.87 -14.51
CA LYS A 121 -3.89 -7.10 -15.75
C LYS A 121 -5.23 -6.36 -15.71
N ASP A 122 -5.26 -5.14 -16.23
CA ASP A 122 -6.51 -4.40 -16.39
C ASP A 122 -7.58 -5.29 -17.01
N TYR A 123 -8.75 -5.32 -16.39
CA TYR A 123 -9.87 -6.01 -16.98
C TYR A 123 -10.94 -5.00 -17.41
N ILE A 124 -11.54 -4.33 -16.44
CA ILE A 124 -12.57 -3.31 -16.74
C ILE A 124 -12.56 -2.21 -15.67
N ALA A 125 -12.77 -0.95 -16.09
CA ALA A 125 -12.78 0.19 -15.17
C ALA A 125 -13.86 1.18 -15.55
N LEU A 126 -14.44 1.80 -14.53
CA LEU A 126 -15.39 2.89 -14.75
C LEU A 126 -14.58 4.09 -15.25
N LYS A 127 -15.10 4.76 -16.28
CA LYS A 127 -14.48 5.99 -16.78
C LYS A 127 -14.70 7.16 -15.81
N GLU A 128 -13.92 8.24 -16.00
CA GLU A 128 -13.95 9.43 -15.13
C GLU A 128 -15.32 10.05 -14.95
N ASP A 129 -16.13 10.05 -16.01
CA ASP A 129 -17.47 10.61 -15.96
C ASP A 129 -18.46 9.74 -15.17
N LEU A 130 -18.03 8.54 -14.81
CA LEU A 130 -18.86 7.57 -14.07
C LEU A 130 -20.10 7.13 -14.84
N ARG A 131 -20.04 7.21 -16.15
CA ARG A 131 -21.19 6.87 -16.99
C ARG A 131 -20.92 5.69 -17.91
N SER A 132 -19.65 5.38 -18.14
CA SER A 132 -19.29 4.31 -19.06
C SER A 132 -18.04 3.53 -18.62
N TRP A 133 -17.69 2.50 -19.39
CA TRP A 133 -16.66 1.54 -19.01
C TRP A 133 -15.51 1.44 -20.01
N THR A 134 -14.31 1.22 -19.49
CA THR A 134 -13.14 0.87 -20.30
C THR A 134 -12.91 -0.63 -20.19
N ALA A 135 -13.11 -1.35 -21.29
CA ALA A 135 -12.90 -2.79 -21.37
C ALA A 135 -11.61 -3.05 -22.15
N ALA A 136 -10.67 -3.81 -21.57
CA ALA A 136 -9.35 -3.97 -22.15
C ALA A 136 -9.30 -4.96 -23.32
N ASP A 137 -10.14 -5.99 -23.27
CA ASP A 137 -10.17 -7.05 -24.30
C ASP A 137 -11.62 -7.53 -24.55
N MET A 138 -11.79 -8.58 -25.36
CA MET A 138 -13.14 -9.02 -25.74
C MET A 138 -13.93 -9.68 -24.61
N ALA A 139 -13.23 -10.35 -23.69
CA ALA A 139 -13.87 -10.84 -22.46
C ALA A 139 -14.47 -9.68 -21.67
N ALA A 140 -13.65 -8.65 -21.41
CA ALA A 140 -14.11 -7.46 -20.69
C ALA A 140 -15.26 -6.76 -21.43
N GLN A 141 -15.23 -6.82 -22.77
CA GLN A 141 -16.30 -6.26 -23.59
CA GLN A 141 -16.30 -6.25 -23.59
C GLN A 141 -17.65 -6.95 -23.35
N THR A 142 -17.62 -8.27 -23.20
CA THR A 142 -18.84 -9.02 -22.90
CA THR A 142 -18.84 -9.05 -22.87
C THR A 142 -19.40 -8.58 -21.53
N THR A 143 -18.50 -8.40 -20.55
CA THR A 143 -18.89 -7.86 -19.23
C THR A 143 -19.48 -6.45 -19.34
N LYS A 144 -18.83 -5.60 -20.13
CA LYS A 144 -19.29 -4.23 -20.35
C LYS A 144 -20.74 -4.24 -20.87
N HIS A 145 -21.02 -5.07 -21.89
CA HIS A 145 -22.39 -5.18 -22.41
C HIS A 145 -23.39 -5.61 -21.32
N LYS A 146 -22.98 -6.58 -20.50
CA LYS A 146 -23.81 -7.10 -19.41
C LYS A 146 -24.15 -5.97 -18.41
N TRP A 147 -23.13 -5.22 -18.00
CA TRP A 147 -23.26 -4.12 -17.06
C TRP A 147 -24.03 -2.90 -17.64
N GLU A 148 -23.92 -2.69 -18.94
CA GLU A 148 -24.69 -1.63 -19.61
C GLU A 148 -26.18 -1.93 -19.59
N ALA A 149 -26.55 -3.16 -19.94
CA ALA A 149 -27.96 -3.58 -19.99
C ALA A 149 -28.59 -3.47 -18.61
N ALA A 150 -27.81 -3.80 -17.58
CA ALA A 150 -28.28 -3.79 -16.19
C ALA A 150 -28.02 -2.47 -15.45
N HIS A 151 -27.54 -1.46 -16.16
CA HIS A 151 -27.32 -0.11 -15.62
C HIS A 151 -26.48 -0.08 -14.34
N VAL A 152 -25.41 -0.85 -14.34
CA VAL A 152 -24.53 -0.97 -13.18
C VAL A 152 -23.86 0.37 -12.85
N ALA A 153 -23.43 1.09 -13.89
CA ALA A 153 -22.79 2.40 -13.73
C ALA A 153 -23.64 3.44 -13.00
N GLU A 154 -24.96 3.40 -13.21
CA GLU A 154 -25.88 4.32 -12.54
C GLU A 154 -25.90 4.09 -11.02
N GLN A 155 -25.93 2.82 -10.63
CA GLN A 155 -25.89 2.43 -9.22
C GLN A 155 -24.57 2.87 -8.57
N LEU A 156 -23.46 2.57 -9.23
CA LEU A 156 -22.14 2.96 -8.74
C LEU A 156 -21.96 4.47 -8.64
N ARG A 157 -22.40 5.21 -9.66
CA ARG A 157 -22.32 6.68 -9.68
C ARG A 157 -23.01 7.30 -8.45
N ALA A 158 -24.21 6.81 -8.15
CA ALA A 158 -24.95 7.24 -6.96
C ALA A 158 -24.17 6.99 -5.66
N TYR A 159 -23.55 5.83 -5.54
CA TYR A 159 -22.74 5.52 -4.36
C TYR A 159 -21.52 6.45 -4.28
N LEU A 160 -20.80 6.58 -5.40
CA LEU A 160 -19.53 7.30 -5.41
C LEU A 160 -19.69 8.78 -5.14
N GLU A 161 -20.78 9.37 -5.65
CA GLU A 161 -21.06 10.80 -5.47
C GLU A 161 -21.81 11.11 -4.18
N GLY A 162 -22.54 10.13 -3.67
CA GLY A 162 -23.39 10.32 -2.48
C GLY A 162 -22.83 9.67 -1.24
N THR A 163 -23.17 8.41 -1.03
CA THR A 163 -22.81 7.64 0.18
C THR A 163 -21.32 7.72 0.50
N CYS A 164 -20.49 7.54 -0.53
CA CYS A 164 -19.04 7.48 -0.35
C CYS A 164 -18.54 8.79 0.26
N VAL A 165 -18.97 9.91 -0.33
CA VAL A 165 -18.64 11.26 0.09
C VAL A 165 -19.17 11.54 1.51
N GLU A 166 -20.43 11.18 1.75
CA GLU A 166 -21.08 11.41 3.04
C GLU A 166 -20.34 10.70 4.17
N TRP A 167 -19.96 9.45 3.92
CA TRP A 167 -19.31 8.65 4.94
C TRP A 167 -17.84 9.01 5.12
N LEU A 168 -17.14 9.37 4.05
CA LEU A 168 -15.81 9.99 4.18
C LEU A 168 -15.86 11.23 5.11
N ARG A 169 -16.82 12.13 4.86
CA ARG A 169 -17.01 13.34 5.68
CA ARG A 169 -16.95 13.34 5.68
C ARG A 169 -17.22 12.96 7.14
N ARG A 170 -18.04 11.94 7.35
CA ARG A 170 -18.33 11.44 8.69
C ARG A 170 -17.07 10.91 9.40
N TYR A 171 -16.31 10.08 8.69
CA TYR A 171 -15.06 9.54 9.25
C TYR A 171 -14.04 10.64 9.54
N LEU A 172 -13.96 11.63 8.65
CA LEU A 172 -13.00 12.73 8.82
C LEU A 172 -13.28 13.51 10.10
N GLU A 173 -14.55 13.70 10.40
CA GLU A 173 -14.98 14.39 11.62
C GLU A 173 -14.73 13.53 12.87
N ASN A 174 -15.21 12.28 12.86
CA ASN A 174 -14.99 11.37 13.98
C ASN A 174 -13.50 11.10 14.27
N GLY A 175 -12.67 11.06 13.23
CA GLY A 175 -11.25 10.78 13.39
C GLY A 175 -10.37 12.02 13.34
N LYS A 176 -10.98 13.19 13.53
CA LYS A 176 -10.30 14.46 13.31
C LYS A 176 -8.95 14.60 14.01
N GLU A 177 -8.82 14.07 15.22
CA GLU A 177 -7.60 14.26 16.00
C GLU A 177 -6.36 13.70 15.31
N THR A 178 -6.55 12.65 14.50
CA THR A 178 -5.47 12.05 13.71
C THR A 178 -5.62 12.29 12.20
N LEU A 179 -6.83 12.09 11.68
CA LEU A 179 -7.06 12.18 10.24
C LEU A 179 -6.86 13.58 9.66
N GLN A 180 -7.12 14.60 10.46
CA GLN A 180 -6.98 15.99 10.02
C GLN A 180 -5.71 16.66 10.53
N ARG A 181 -4.84 15.86 11.13
CA ARG A 181 -3.55 16.31 11.62
C ARG A 181 -2.44 15.96 10.63
N THR A 182 -1.57 16.91 10.34
CA THR A 182 -0.37 16.62 9.54
C THR A 182 0.82 16.39 10.46
N ASP A 183 1.67 15.43 10.09
CA ASP A 183 2.90 15.20 10.82
C ASP A 183 4.05 15.53 9.89
N ALA A 184 4.77 16.63 10.19
CA ALA A 184 5.87 17.07 9.33
C ALA A 184 7.03 16.10 9.43
N PRO A 185 7.78 15.92 8.31
CA PRO A 185 8.93 15.01 8.37
C PRO A 185 10.01 15.50 9.33
N LYS A 186 10.55 14.56 10.10
CA LYS A 186 11.75 14.80 10.88
C LYS A 186 12.94 14.44 10.02
N THR A 187 13.78 15.44 9.74
CA THR A 187 14.85 15.30 8.74
C THR A 187 16.25 15.33 9.34
N HIS A 188 17.14 14.55 8.75
CA HIS A 188 18.57 14.63 9.04
C HIS A 188 19.36 14.10 7.85
N MET A 189 20.68 14.29 7.91
CA MET A 189 21.56 13.86 6.84
C MET A 189 22.68 12.99 7.39
N THR A 190 23.01 11.92 6.68
CA THR A 190 24.13 11.05 7.04
C THR A 190 25.22 11.07 5.96
N HIS A 191 26.44 10.74 6.36
CA HIS A 191 27.61 10.74 5.47
C HIS A 191 28.32 9.39 5.49
N HIS A 192 28.76 8.93 4.32
CA HIS A 192 29.57 7.72 4.23
C HIS A 192 30.69 7.93 3.22
N ALA A 193 31.86 7.37 3.50
CA ALA A 193 32.99 7.42 2.58
C ALA A 193 33.14 6.06 1.91
N VAL A 194 33.04 6.01 0.59
CA VAL A 194 33.23 4.74 -0.11
C VAL A 194 34.72 4.44 -0.34
N SER A 195 35.48 5.51 -0.58
CA SER A 195 36.93 5.44 -0.82
C SER A 195 37.53 6.80 -0.46
N ASP A 196 38.80 7.03 -0.78
CA ASP A 196 39.45 8.29 -0.41
C ASP A 196 38.95 9.50 -1.21
N HIS A 197 38.15 9.25 -2.25
CA HIS A 197 37.78 10.31 -3.17
C HIS A 197 36.26 10.47 -3.38
N GLU A 198 35.49 9.50 -2.89
CA GLU A 198 34.04 9.42 -3.13
C GLU A 198 33.29 9.40 -1.78
N ALA A 199 32.21 10.18 -1.68
CA ALA A 199 31.35 10.18 -0.50
C ALA A 199 29.88 10.01 -0.86
N THR A 200 29.11 9.42 0.06
CA THR A 200 27.64 9.35 -0.09
C THR A 200 26.97 10.22 0.97
N LEU A 201 26.09 11.12 0.55
CA LEU A 201 25.25 11.90 1.45
C LEU A 201 23.84 11.36 1.37
N ARG A 202 23.21 11.11 2.52
CA ARG A 202 21.86 10.56 2.52
C ARG A 202 20.96 11.48 3.32
N CYS A 203 19.89 11.93 2.68
CA CYS A 203 18.94 12.85 3.28
C CYS A 203 17.69 12.07 3.72
N TRP A 204 17.40 12.14 5.02
CA TRP A 204 16.35 11.30 5.62
C TRP A 204 15.10 12.09 5.98
N ALA A 205 13.93 11.49 5.76
CA ALA A 205 12.66 12.06 6.23
C ALA A 205 11.92 10.95 6.96
N LEU A 206 11.58 11.21 8.23
CA LEU A 206 10.94 10.22 9.07
C LEU A 206 9.70 10.75 9.75
N SER A 207 8.86 9.82 10.19
CA SER A 207 7.71 10.10 11.04
CA SER A 207 7.74 10.13 11.06
C SER A 207 6.73 11.10 10.43
N PHE A 208 6.53 11.01 9.11
CA PHE A 208 5.62 11.94 8.45
C PHE A 208 4.26 11.34 8.06
N TYR A 209 3.26 12.20 7.94
CA TYR A 209 1.92 11.86 7.52
C TYR A 209 1.22 13.11 6.96
N PRO A 210 0.56 13.00 5.80
CA PRO A 210 0.39 11.80 4.96
C PRO A 210 1.65 11.35 4.22
N ALA A 211 1.53 10.28 3.45
CA ALA A 211 2.66 9.64 2.76
C ALA A 211 3.29 10.49 1.66
N GLU A 212 2.48 11.34 1.02
CA GLU A 212 2.96 12.19 -0.08
CA GLU A 212 2.98 12.17 -0.08
C GLU A 212 4.11 13.09 0.37
N ILE A 213 5.21 13.06 -0.38
CA ILE A 213 6.40 13.85 -0.04
C ILE A 213 7.31 14.00 -1.26
N THR A 214 8.10 15.06 -1.29
CA THR A 214 9.13 15.25 -2.30
C THR A 214 10.47 15.53 -1.64
N LEU A 215 11.49 14.74 -2.01
CA LEU A 215 12.86 14.95 -1.56
C LEU A 215 13.73 15.04 -2.80
N THR A 216 14.54 16.08 -2.87
CA THR A 216 15.42 16.28 -4.03
C THR A 216 16.75 16.87 -3.58
N TRP A 217 17.77 16.67 -4.40
CA TRP A 217 19.08 17.28 -4.20
C TRP A 217 19.33 18.43 -5.18
N GLN A 218 20.05 19.44 -4.70
CA GLN A 218 20.58 20.48 -5.58
C GLN A 218 22.09 20.58 -5.42
N ARG A 219 22.77 20.92 -6.52
CA ARG A 219 24.20 21.21 -6.50
CA ARG A 219 24.19 21.22 -6.49
C ARG A 219 24.40 22.65 -6.93
N ASP A 220 25.03 23.45 -6.06
CA ASP A 220 25.23 24.88 -6.29
C ASP A 220 23.91 25.53 -6.72
N GLY A 221 22.82 25.13 -6.07
CA GLY A 221 21.50 25.73 -6.31
C GLY A 221 20.74 25.25 -7.54
N GLU A 222 21.23 24.20 -8.20
CA GLU A 222 20.53 23.62 -9.36
C GLU A 222 20.23 22.14 -9.16
N ASP A 223 19.08 21.69 -9.65
CA ASP A 223 18.62 20.31 -9.46
C ASP A 223 19.62 19.25 -9.98
N GLN A 224 19.87 18.27 -9.11
CA GLN A 224 20.80 17.18 -9.38
C GLN A 224 20.04 15.85 -9.28
N THR A 225 19.95 15.14 -10.41
CA THR A 225 19.37 13.79 -10.44
C THR A 225 20.40 12.70 -10.71
N GLN A 226 21.42 13.03 -11.49
CA GLN A 226 22.51 12.09 -11.75
C GLN A 226 23.24 11.71 -10.45
N ASP A 227 23.61 10.43 -10.36
CA ASP A 227 24.32 9.90 -9.19
C ASP A 227 23.47 9.97 -7.90
N THR A 228 22.15 9.96 -8.05
CA THR A 228 21.26 9.94 -6.90
C THR A 228 20.48 8.64 -6.85
N GLU A 229 20.00 8.28 -5.66
CA GLU A 229 19.16 7.10 -5.45
C GLU A 229 18.05 7.54 -4.50
N LEU A 230 16.80 7.31 -4.91
CA LEU A 230 15.61 7.71 -4.13
C LEU A 230 14.81 6.45 -3.80
N VAL A 231 14.66 6.10 -2.52
CA VAL A 231 13.91 4.86 -2.18
C VAL A 231 12.42 5.11 -2.20
N GLU A 232 11.66 4.03 -2.39
CA GLU A 232 10.21 4.07 -2.29
C GLU A 232 9.83 4.45 -0.87
N THR A 233 8.81 5.31 -0.75
CA THR A 233 8.24 5.68 0.54
C THR A 233 7.71 4.42 1.23
N ARG A 234 8.05 4.27 2.50
CA ARG A 234 7.80 3.02 3.22
C ARG A 234 7.09 3.30 4.55
N PRO A 235 6.19 2.40 4.97
CA PRO A 235 5.52 2.56 6.26
C PRO A 235 6.47 2.30 7.46
N ALA A 236 6.42 3.17 8.46
CA ALA A 236 7.18 2.93 9.70
C ALA A 236 6.56 1.81 10.53
N GLY A 237 5.24 1.62 10.41
CA GLY A 237 4.52 0.62 11.20
C GLY A 237 3.73 1.20 12.37
N ASP A 238 3.84 2.51 12.58
CA ASP A 238 3.07 3.23 13.61
C ASP A 238 2.10 4.24 13.00
N GLY A 239 1.83 4.09 11.71
CA GLY A 239 0.93 4.97 10.97
C GLY A 239 1.64 6.07 10.18
N THR A 240 2.93 6.27 10.46
CA THR A 240 3.71 7.29 9.75
C THR A 240 4.55 6.64 8.66
N PHE A 241 5.25 7.46 7.89
CA PHE A 241 6.02 6.99 6.73
C PHE A 241 7.45 7.49 6.78
N GLN A 242 8.32 6.87 5.98
CA GLN A 242 9.75 7.19 5.92
C GLN A 242 10.18 7.23 4.46
N LYS A 243 11.23 7.99 4.17
CA LYS A 243 11.84 8.01 2.85
C LYS A 243 13.24 8.61 2.96
N TRP A 244 14.12 8.23 2.04
CA TRP A 244 15.40 8.91 1.91
C TRP A 244 15.83 9.07 0.45
N VAL A 245 16.73 10.01 0.23
CA VAL A 245 17.39 10.19 -1.06
C VAL A 245 18.88 10.41 -0.83
N ALA A 246 19.70 9.82 -1.69
CA ALA A 246 21.14 9.85 -1.49
C ALA A 246 21.82 10.39 -2.74
N VAL A 247 22.97 11.02 -2.56
CA VAL A 247 23.79 11.47 -3.70
C VAL A 247 25.26 11.11 -3.45
N VAL A 248 25.95 10.76 -4.54
CA VAL A 248 27.37 10.47 -4.52
C VAL A 248 28.12 11.73 -4.95
N VAL A 249 29.14 12.11 -4.17
CA VAL A 249 29.86 13.38 -4.39
C VAL A 249 31.38 13.20 -4.22
N PRO A 250 32.17 14.07 -4.88
CA PRO A 250 33.61 14.00 -4.59
C PRO A 250 33.89 14.43 -3.15
N SER A 251 34.72 13.68 -2.43
CA SER A 251 35.05 14.03 -1.04
C SER A 251 35.58 15.45 -1.00
N GLY A 252 35.07 16.23 -0.06
CA GLY A 252 35.50 17.62 0.12
C GLY A 252 34.57 18.63 -0.50
N GLN A 253 33.62 18.16 -1.30
CA GLN A 253 32.70 19.05 -2.01
C GLN A 253 31.27 18.95 -1.47
N GLU A 254 31.13 18.31 -0.31
CA GLU A 254 29.82 18.12 0.34
C GLU A 254 28.99 19.41 0.44
N GLN A 255 29.66 20.55 0.60
CA GLN A 255 29.01 21.83 0.85
C GLN A 255 28.24 22.42 -0.34
N ARG A 256 28.51 21.90 -1.54
CA ARG A 256 27.80 22.32 -2.75
C ARG A 256 26.39 21.75 -2.80
N TYR A 257 26.15 20.71 -2.00
CA TYR A 257 24.94 19.90 -2.12
C TYR A 257 23.94 20.21 -1.02
N THR A 258 22.70 20.47 -1.41
CA THR A 258 21.64 20.72 -0.45
C THR A 258 20.46 19.79 -0.72
N CYS A 259 19.80 19.34 0.35
CA CYS A 259 18.62 18.51 0.24
C CYS A 259 17.39 19.38 0.50
N HIS A 260 16.34 19.15 -0.27
CA HIS A 260 15.13 19.97 -0.22
C HIS A 260 13.92 19.08 0.01
N VAL A 261 13.14 19.45 1.02
CA VAL A 261 12.02 18.62 1.48
C VAL A 261 10.71 19.38 1.32
N GLN A 262 9.74 18.79 0.61
CA GLN A 262 8.40 19.35 0.48
C GLN A 262 7.34 18.40 1.05
N HIS A 263 6.47 18.93 1.92
CA HIS A 263 5.43 18.12 2.59
C HIS A 263 4.33 19.05 3.08
N GLU A 264 3.08 18.59 3.05
CA GLU A 264 1.95 19.44 3.48
C GLU A 264 2.01 19.87 4.95
N GLY A 265 2.81 19.16 5.75
CA GLY A 265 3.05 19.53 7.15
C GLY A 265 4.12 20.60 7.34
N LEU A 266 4.72 21.02 6.23
CA LEU A 266 5.69 22.11 6.21
C LEU A 266 5.10 23.28 5.42
N PRO A 267 4.90 24.44 6.08
CA PRO A 267 4.32 25.62 5.43
C PRO A 267 5.16 26.12 4.24
N LYS A 268 6.47 26.02 4.39
CA LYS A 268 7.42 26.25 3.30
C LYS A 268 8.43 25.10 3.27
N PRO A 269 8.91 24.72 2.07
CA PRO A 269 9.90 23.64 1.97
C PRO A 269 11.15 23.90 2.81
N LEU A 270 11.77 22.81 3.26
CA LEU A 270 12.93 22.85 4.14
C LEU A 270 14.20 22.52 3.36
N THR A 271 15.33 23.09 3.81
CA THR A 271 16.65 22.81 3.23
C THR A 271 17.61 22.24 4.28
N LEU A 272 18.39 21.23 3.88
CA LEU A 272 19.44 20.66 4.73
C LEU A 272 20.80 20.68 4.03
N ARG A 273 21.86 20.75 4.84
CA ARG A 273 23.26 20.73 4.38
C ARG A 273 24.10 19.84 5.29
N TRP A 274 25.22 19.32 4.79
CA TRP A 274 26.13 18.54 5.62
C TRP A 274 26.94 19.45 6.55
N GLU A 275 27.43 18.90 7.67
CA GLU A 275 28.21 19.63 8.70
C GLU A 275 27.36 20.61 9.51
N MET B 1 0.61 -15.45 -17.86
CA MET B 1 0.62 -14.96 -16.46
C MET B 1 1.69 -13.88 -16.28
N ILE B 2 1.29 -12.75 -15.70
CA ILE B 2 2.26 -11.73 -15.31
C ILE B 2 2.99 -12.15 -14.04
N GLN B 3 4.30 -11.91 -14.01
CA GLN B 3 5.08 -12.15 -12.80
C GLN B 3 6.04 -11.00 -12.55
N ARG B 4 5.95 -10.44 -11.35
CA ARG B 4 6.74 -9.28 -10.95
C ARG B 4 7.50 -9.62 -9.66
N THR B 5 8.78 -9.27 -9.63
CA THR B 5 9.68 -9.59 -8.51
CA THR B 5 9.65 -9.62 -8.49
C THR B 5 9.55 -8.60 -7.36
N PRO B 6 9.55 -9.09 -6.10
CA PRO B 6 9.42 -8.12 -5.01
C PRO B 6 10.65 -7.22 -4.80
N LYS B 7 10.40 -5.94 -4.52
CA LYS B 7 11.43 -5.05 -4.00
C LYS B 7 11.41 -5.24 -2.49
N ILE B 8 12.56 -5.07 -1.83
CA ILE B 8 12.69 -5.34 -0.41
C ILE B 8 13.46 -4.23 0.29
N GLN B 9 12.88 -3.70 1.37
CA GLN B 9 13.62 -2.83 2.28
C GLN B 9 13.54 -3.37 3.71
N VAL B 10 14.68 -3.37 4.40
CA VAL B 10 14.76 -3.80 5.79
C VAL B 10 15.23 -2.61 6.64
N TYR B 11 14.52 -2.33 7.72
CA TYR B 11 14.74 -1.10 8.49
C TYR B 11 14.01 -1.15 9.82
N SER B 12 14.39 -0.26 10.74
CA SER B 12 13.69 -0.16 12.04
C SER B 12 12.57 0.90 12.03
N ARG B 13 11.57 0.70 12.88
CA ARG B 13 10.44 1.63 12.99
C ARG B 13 10.90 2.97 13.54
N HIS B 14 11.71 2.92 14.59
CA HIS B 14 12.25 4.11 15.25
C HIS B 14 13.77 4.16 15.10
N PRO B 15 14.39 5.33 15.34
CA PRO B 15 15.86 5.40 15.29
C PRO B 15 16.45 4.29 16.17
N ALA B 16 17.45 3.59 15.66
CA ALA B 16 17.97 2.40 16.31
C ALA B 16 19.06 2.70 17.35
N GLU B 17 18.81 2.29 18.59
CA GLU B 17 19.76 2.47 19.68
C GLU B 17 19.87 1.20 20.52
N ASN B 18 21.10 0.76 20.78
CA ASN B 18 21.33 -0.45 21.57
C ASN B 18 20.69 -0.38 22.95
N GLY B 19 20.02 -1.46 23.35
CA GLY B 19 19.36 -1.54 24.63
C GLY B 19 17.97 -0.92 24.67
N LYS B 20 17.54 -0.38 23.52
CA LYS B 20 16.26 0.32 23.48
C LYS B 20 15.28 -0.40 22.56
N SER B 21 14.16 -0.84 23.12
CA SER B 21 13.14 -1.62 22.40
CA SER B 21 13.16 -1.62 22.39
C SER B 21 12.67 -0.90 21.14
N ASN B 22 12.41 -1.67 20.09
CA ASN B 22 12.14 -1.13 18.75
C ASN B 22 11.39 -2.19 17.94
N PHE B 23 11.10 -1.89 16.66
CA PHE B 23 10.54 -2.87 15.73
C PHE B 23 11.41 -2.98 14.49
N LEU B 24 11.65 -4.22 14.06
CA LEU B 24 12.39 -4.47 12.83
C LEU B 24 11.37 -4.78 11.74
N ASN B 25 11.48 -4.05 10.63
CA ASN B 25 10.55 -4.13 9.50
C ASN B 25 11.19 -4.75 8.28
N CYS B 26 10.41 -5.55 7.57
CA CYS B 26 10.74 -5.95 6.19
C CYS B 26 9.54 -5.60 5.32
N TYR B 27 9.74 -4.61 4.45
CA TYR B 27 8.71 -4.14 3.55
C TYR B 27 8.94 -4.74 2.17
N VAL B 28 7.95 -5.48 1.68
CA VAL B 28 8.05 -6.10 0.38
C VAL B 28 6.97 -5.52 -0.53
N SER B 29 7.33 -5.13 -1.75
CA SER B 29 6.38 -4.45 -2.64
C SER B 29 6.66 -4.73 -4.11
N GLY B 30 5.71 -4.34 -4.96
CA GLY B 30 5.87 -4.44 -6.42
C GLY B 30 5.81 -5.85 -6.96
N PHE B 31 5.27 -6.78 -6.18
CA PHE B 31 5.24 -8.19 -6.60
C PHE B 31 3.89 -8.68 -7.09
N HIS B 32 3.93 -9.77 -7.86
CA HIS B 32 2.75 -10.47 -8.36
C HIS B 32 3.22 -11.83 -8.86
N PRO B 33 2.49 -12.90 -8.54
CA PRO B 33 1.28 -13.01 -7.70
C PRO B 33 1.52 -12.76 -6.20
N SER B 34 0.46 -12.87 -5.40
CA SER B 34 0.51 -12.46 -3.99
C SER B 34 1.20 -13.45 -3.04
N ASP B 35 1.24 -14.72 -3.41
CA ASP B 35 1.90 -15.73 -2.58
CA ASP B 35 1.88 -15.71 -2.55
C ASP B 35 3.37 -15.39 -2.41
N ILE B 36 3.81 -15.20 -1.16
CA ILE B 36 5.20 -14.82 -0.88
C ILE B 36 5.60 -15.39 0.48
N GLU B 37 6.90 -15.68 0.63
CA GLU B 37 7.43 -16.14 1.91
C GLU B 37 8.43 -15.11 2.43
N VAL B 38 8.19 -14.61 3.64
CA VAL B 38 9.06 -13.59 4.22
C VAL B 38 9.43 -13.98 5.63
N ASP B 39 10.72 -14.07 5.89
CA ASP B 39 11.22 -14.32 7.24
C ASP B 39 12.17 -13.22 7.71
N LEU B 40 12.08 -12.90 9.00
CA LEU B 40 13.07 -12.05 9.64
C LEU B 40 14.07 -12.97 10.34
N LEU B 41 15.35 -12.66 10.17
CA LEU B 41 16.44 -13.47 10.74
C LEU B 41 17.27 -12.72 11.77
N LYS B 42 17.59 -13.42 12.86
CA LYS B 42 18.53 -12.93 13.87
C LYS B 42 19.74 -13.84 13.86
N ASN B 43 20.90 -13.28 13.48
CA ASN B 43 22.14 -14.05 13.35
C ASN B 43 22.00 -15.32 12.48
N GLY B 44 21.27 -15.17 11.38
CA GLY B 44 21.05 -16.25 10.42
C GLY B 44 19.91 -17.19 10.78
N GLU B 45 19.26 -16.95 11.91
CA GLU B 45 18.21 -17.84 12.41
C GLU B 45 16.82 -17.20 12.33
N ARG B 46 15.84 -17.95 11.85
CA ARG B 46 14.47 -17.47 11.68
C ARG B 46 13.82 -17.05 13.01
N ILE B 47 13.32 -15.82 13.05
CA ILE B 47 12.57 -15.30 14.19
C ILE B 47 11.15 -15.84 14.16
N GLU B 48 10.66 -16.33 15.30
CA GLU B 48 9.35 -16.99 15.36
C GLU B 48 8.14 -16.05 15.45
N LYS B 49 8.28 -14.99 16.26
CA LYS B 49 7.16 -14.09 16.48
C LYS B 49 7.17 -12.94 15.46
N VAL B 50 6.66 -13.21 14.25
CA VAL B 50 6.61 -12.19 13.19
C VAL B 50 5.18 -11.95 12.68
N GLU B 51 4.76 -10.69 12.70
CA GLU B 51 3.43 -10.32 12.22
C GLU B 51 3.52 -9.65 10.87
N HIS B 52 2.40 -9.56 10.16
CA HIS B 52 2.40 -8.81 8.91
C HIS B 52 1.09 -8.07 8.69
N SER B 53 1.17 -7.03 7.85
CA SER B 53 0.02 -6.23 7.45
C SER B 53 -0.98 -7.03 6.60
N ASP B 54 -2.18 -6.47 6.45
CA ASP B 54 -3.18 -7.04 5.55
C ASP B 54 -2.81 -6.71 4.10
N LEU B 55 -2.84 -7.73 3.25
CA LEU B 55 -2.51 -7.60 1.84
C LEU B 55 -3.28 -6.47 1.15
N SER B 56 -2.53 -5.61 0.45
CA SER B 56 -3.12 -4.55 -0.34
C SER B 56 -2.26 -4.37 -1.60
N PHE B 57 -2.62 -3.41 -2.45
CA PHE B 57 -1.91 -3.23 -3.71
C PHE B 57 -1.93 -1.79 -4.17
N SER B 58 -0.99 -1.49 -5.08
CA SER B 58 -0.83 -0.18 -5.67
CA SER B 58 -0.86 -0.16 -5.66
C SER B 58 -1.68 -0.05 -6.93
N LYS B 59 -1.73 1.16 -7.49
CA LYS B 59 -2.48 1.46 -8.72
C LYS B 59 -2.16 0.52 -9.87
N ASP B 60 -0.89 0.15 -10.00
CA ASP B 60 -0.44 -0.79 -11.03
C ASP B 60 -0.77 -2.25 -10.75
N TRP B 61 -1.50 -2.47 -9.65
CA TRP B 61 -1.98 -3.78 -9.20
C TRP B 61 -0.93 -4.64 -8.47
N SER B 62 0.29 -4.12 -8.29
CA SER B 62 1.31 -4.90 -7.59
C SER B 62 1.07 -4.87 -6.08
N PHE B 63 1.42 -5.97 -5.41
CA PHE B 63 1.09 -6.14 -4.00
C PHE B 63 2.18 -5.59 -3.10
N TYR B 64 1.80 -5.25 -1.86
CA TYR B 64 2.78 -4.88 -0.85
C TYR B 64 2.35 -5.41 0.51
N LEU B 65 3.36 -5.75 1.32
CA LEU B 65 3.17 -6.24 2.68
C LEU B 65 4.29 -5.74 3.57
N LEU B 66 3.97 -5.44 4.83
CA LEU B 66 4.97 -5.12 5.84
C LEU B 66 5.03 -6.27 6.84
N TYR B 67 6.22 -6.85 7.03
CA TYR B 67 6.44 -7.85 8.06
C TYR B 67 7.23 -7.19 9.19
N TYR B 68 6.90 -7.50 10.43
CA TYR B 68 7.53 -6.80 11.57
C TYR B 68 7.60 -7.61 12.85
N THR B 69 8.62 -7.33 13.66
CA THR B 69 8.79 -8.01 14.95
C THR B 69 9.43 -7.03 15.95
N GLU B 70 9.07 -7.19 17.22
CA GLU B 70 9.68 -6.44 18.32
CA GLU B 70 9.68 -6.40 18.28
C GLU B 70 11.10 -6.92 18.49
N PHE B 71 12.03 -5.97 18.62
CA PHE B 71 13.43 -6.34 18.91
C PHE B 71 14.14 -5.27 19.72
N THR B 72 15.18 -5.68 20.44
CA THR B 72 16.06 -4.75 21.12
C THR B 72 17.43 -4.88 20.47
N PRO B 73 17.84 -3.85 19.70
CA PRO B 73 19.16 -3.91 19.06
C PRO B 73 20.30 -4.04 20.08
N THR B 74 21.32 -4.81 19.71
CA THR B 74 22.57 -4.87 20.46
C THR B 74 23.70 -4.61 19.46
N GLU B 75 24.89 -4.32 19.97
CA GLU B 75 26.02 -4.02 19.11
C GLU B 75 26.34 -5.21 18.20
N LYS B 76 26.22 -6.42 18.74
CA LYS B 76 26.72 -7.63 18.08
C LYS B 76 25.72 -8.37 17.19
N ASP B 77 24.42 -8.25 17.48
CA ASP B 77 23.41 -9.02 16.76
C ASP B 77 23.21 -8.49 15.33
N GLU B 78 23.19 -9.40 14.36
CA GLU B 78 22.96 -9.04 12.97
C GLU B 78 21.55 -9.48 12.53
N TYR B 79 20.86 -8.61 11.80
CA TYR B 79 19.49 -8.89 11.38
C TYR B 79 19.34 -8.82 9.87
N ALA B 80 18.37 -9.56 9.33
CA ALA B 80 18.14 -9.62 7.91
C ALA B 80 16.69 -10.02 7.61
N CYS B 81 16.31 -9.88 6.34
CA CYS B 81 15.03 -10.34 5.86
C CYS B 81 15.26 -11.31 4.70
N ARG B 82 14.64 -12.49 4.77
CA ARG B 82 14.74 -13.51 3.72
C ARG B 82 13.42 -13.64 2.97
N VAL B 83 13.48 -13.45 1.66
CA VAL B 83 12.28 -13.45 0.81
C VAL B 83 12.36 -14.54 -0.25
N ASN B 84 11.30 -15.36 -0.34
CA ASN B 84 11.12 -16.22 -1.50
C ASN B 84 9.78 -15.98 -2.20
N HIS B 85 9.80 -16.08 -3.52
CA HIS B 85 8.67 -15.77 -4.39
C HIS B 85 8.87 -16.58 -5.67
N VAL B 86 7.79 -16.82 -6.41
CA VAL B 86 7.87 -17.60 -7.65
C VAL B 86 8.92 -17.06 -8.62
N THR B 87 9.12 -15.75 -8.62
CA THR B 87 10.06 -15.07 -9.52
C THR B 87 11.52 -15.25 -9.11
N LEU B 88 11.77 -15.82 -7.93
CA LEU B 88 13.13 -15.95 -7.43
C LEU B 88 13.62 -17.39 -7.48
N SER B 89 14.83 -17.57 -8.03
CA SER B 89 15.47 -18.88 -8.16
C SER B 89 15.95 -19.40 -6.81
N GLN B 90 16.51 -18.50 -6.00
CA GLN B 90 16.92 -18.79 -4.63
C GLN B 90 16.32 -17.69 -3.75
N PRO B 91 16.11 -17.96 -2.45
CA PRO B 91 15.68 -16.89 -1.55
C PRO B 91 16.64 -15.71 -1.61
N LYS B 92 16.09 -14.49 -1.54
CA LYS B 92 16.91 -13.29 -1.49
C LYS B 92 17.02 -12.82 -0.05
N ILE B 93 18.26 -12.58 0.40
CA ILE B 93 18.53 -12.06 1.75
C ILE B 93 19.04 -10.62 1.69
N VAL B 94 18.39 -9.75 2.45
CA VAL B 94 18.83 -8.36 2.58
C VAL B 94 19.14 -8.11 4.05
N LYS B 95 20.34 -7.62 4.33
CA LYS B 95 20.77 -7.37 5.70
C LYS B 95 20.28 -5.99 6.17
N TRP B 96 19.95 -5.90 7.45
CA TRP B 96 19.63 -4.62 8.05
C TRP B 96 20.91 -3.83 8.25
N ASP B 97 20.95 -2.65 7.65
CA ASP B 97 22.08 -1.75 7.81
C ASP B 97 21.61 -0.55 8.60
N ARG B 98 22.04 -0.49 9.86
CA ARG B 98 21.60 0.54 10.80
C ARG B 98 22.30 1.88 10.58
N ASP B 99 23.49 1.83 9.97
CA ASP B 99 24.31 3.03 9.72
C ASP B 99 23.90 3.80 8.47
N MET B 100 22.98 3.23 7.68
CA MET B 100 22.49 3.85 6.45
C MET B 100 22.06 5.31 6.65
N ASN C 1 -17.76 3.01 4.38
CA ASN C 1 -19.07 2.37 4.11
C ASN C 1 -19.08 1.75 2.71
N LEU C 2 -19.11 0.41 2.64
CA LEU C 2 -19.02 -0.33 1.38
C LEU C 2 -20.22 -0.09 0.45
N VAL C 3 -19.97 -0.19 -0.86
CA VAL C 3 -21.04 -0.19 -1.86
C VAL C 3 -22.06 -1.30 -1.56
N PRO C 4 -23.36 -1.00 -1.67
CA PRO C 4 -24.39 -1.98 -1.30
C PRO C 4 -24.36 -3.27 -2.13
N THR C 5 -24.10 -3.14 -3.42
CA THR C 5 -24.07 -4.31 -4.31
C THR C 5 -22.88 -4.28 -5.26
N VAL C 6 -22.43 -5.47 -5.65
CA VAL C 6 -21.32 -5.64 -6.56
C VAL C 6 -21.74 -6.60 -7.67
N ALA C 7 -21.77 -6.11 -8.91
CA ALA C 7 -22.17 -6.95 -10.04
C ALA C 7 -21.08 -7.95 -10.42
N THR C 8 -21.50 -9.15 -10.81
CA THR C 8 -20.56 -10.17 -11.27
CA THR C 8 -20.60 -10.21 -11.29
C THR C 8 -20.19 -9.92 -12.74
N VAL C 9 -18.99 -10.35 -13.13
CA VAL C 9 -18.50 -10.12 -14.51
C VAL C 9 -19.12 -11.03 -15.57
#